data_8JH0
#
_entry.id   8JH0
#
_cell.length_a   67.435
_cell.length_b   71.770
_cell.length_c   123.860
_cell.angle_alpha   90.00
_cell.angle_beta   90.00
_cell.angle_gamma   90.00
#
_symmetry.space_group_name_H-M   'P 21 21 21'
#
loop_
_entity.id
_entity.type
_entity.pdbx_description
1 polymer Xanthorhodopsin
2 non-polymer RETINAL
3 water water
#
_entity_poly.entity_id   1
_entity_poly.type   'polypeptide(L)'
_entity_poly.pdbx_seq_one_letter_code
;MENLGNATFENYIGLQDGFNEMAYQMVAHVLTLGYAVMLAGLFYFVLTIKTVAPRFRTSSVLSVVVMVSAFLLLYVQASN
WTESFVFDTERGKYFLGEGNDLFNNGYRYLNWLIDVPMLLFQILFVVTLTKSNFSSIRNQFWISGTGMIVTGYIGQFYEV
TDLTMFAIWGAISTVFFFHILWLMKKVIDEGKDGIPAKAQETLQSIWVLFLVSWMLYPGAYLMPHLAGIEGLFFSEIGVV
ARQITYTIADVSSKVIYGILLTNVAQVMSKEEGYLEHTTLEHHHHHH
;
_entity_poly.pdbx_strand_id   A,B
#
# COMPACT_ATOMS: atom_id res chain seq x y z
N THR A 8 -3.10 -25.70 -4.53
CA THR A 8 -3.07 -25.87 -3.08
C THR A 8 -1.92 -26.79 -2.68
N PHE A 9 -0.71 -26.44 -3.14
CA PHE A 9 0.46 -27.27 -2.85
C PHE A 9 0.77 -27.27 -1.36
N GLU A 10 0.85 -26.08 -0.75
CA GLU A 10 1.21 -25.99 0.66
C GLU A 10 0.20 -26.70 1.55
N ASN A 11 -1.07 -26.74 1.14
CA ASN A 11 -2.09 -27.41 1.94
C ASN A 11 -2.09 -28.92 1.74
N TYR A 12 -1.53 -29.43 0.64
CA TYR A 12 -1.30 -30.86 0.53
C TYR A 12 -0.21 -31.31 1.50
N ILE A 13 0.97 -30.69 1.39
CA ILE A 13 2.08 -31.02 2.28
C ILE A 13 1.68 -30.77 3.73
N GLY A 14 1.07 -29.61 4.00
CA GLY A 14 0.75 -29.24 5.36
C GLY A 14 -0.17 -30.21 6.07
N LEU A 15 -1.03 -30.90 5.32
CA LEU A 15 -1.96 -31.84 5.92
C LEU A 15 -1.48 -33.29 5.86
N GLN A 16 -0.72 -33.66 4.83
CA GLN A 16 -0.31 -35.04 4.64
C GLN A 16 0.99 -35.35 5.38
N ASP A 17 2.07 -34.65 5.03
CA ASP A 17 3.36 -34.87 5.69
C ASP A 17 3.50 -34.05 6.97
N GLY A 18 3.02 -32.81 6.96
CA GLY A 18 3.26 -31.88 8.04
C GLY A 18 4.55 -31.12 7.85
N PHE A 19 4.74 -30.11 8.70
CA PHE A 19 5.93 -29.27 8.65
C PHE A 19 6.73 -29.44 9.94
N ASN A 20 8.05 -29.50 9.79
CA ASN A 20 8.93 -29.56 10.94
C ASN A 20 9.16 -28.15 11.49
N GLU A 21 9.69 -28.09 12.72
CA GLU A 21 9.85 -26.80 13.39
C GLU A 21 10.73 -25.86 12.57
N MET A 22 11.82 -26.37 12.01
CA MET A 22 12.70 -25.52 11.22
C MET A 22 11.99 -24.96 10.00
N ALA A 23 11.30 -25.84 9.24
CA ALA A 23 10.61 -25.40 8.04
C ALA A 23 9.56 -24.34 8.35
N TYR A 24 8.69 -24.63 9.33
CA TYR A 24 7.63 -23.70 9.69
C TYR A 24 8.19 -22.34 10.10
N GLN A 25 9.15 -22.33 11.01
CA GLN A 25 9.69 -21.06 11.51
C GLN A 25 10.53 -20.33 10.47
N MET A 26 11.04 -21.03 9.46
CA MET A 26 11.80 -20.36 8.40
C MET A 26 10.88 -19.57 7.48
N VAL A 27 9.84 -20.24 6.96
CA VAL A 27 8.85 -19.55 6.12
C VAL A 27 8.30 -18.34 6.84
N ALA A 28 8.02 -18.48 8.14
CA ALA A 28 7.52 -17.35 8.93
C ALA A 28 8.54 -16.24 8.99
N HIS A 29 9.80 -16.57 9.35
CA HIS A 29 10.83 -15.55 9.48
C HIS A 29 11.17 -14.92 8.14
N VAL A 30 11.22 -15.73 7.07
CA VAL A 30 11.54 -15.20 5.75
C VAL A 30 10.45 -14.23 5.30
N LEU A 31 9.19 -14.63 5.46
CA LEU A 31 8.07 -13.73 5.14
C LEU A 31 8.13 -12.47 5.99
N THR A 32 8.56 -12.59 7.24
CA THR A 32 8.55 -11.46 8.16
C THR A 32 9.54 -10.38 7.71
N LEU A 33 10.82 -10.73 7.60
CA LEU A 33 11.78 -9.79 7.05
C LEU A 33 11.43 -9.41 5.62
N GLY A 34 10.55 -10.16 4.96
CA GLY A 34 10.04 -9.73 3.68
C GLY A 34 9.23 -8.45 3.77
N TYR A 35 8.26 -8.42 4.69
CA TYR A 35 7.53 -7.18 4.89
C TYR A 35 8.33 -6.15 5.66
N ALA A 36 9.45 -6.54 6.26
CA ALA A 36 10.31 -5.57 6.93
C ALA A 36 11.10 -4.74 5.92
N VAL A 37 11.63 -5.38 4.88
CA VAL A 37 12.36 -4.62 3.85
C VAL A 37 11.40 -3.85 2.95
N MET A 38 10.14 -4.28 2.87
CA MET A 38 9.14 -3.50 2.14
C MET A 38 8.96 -2.13 2.80
N LEU A 39 8.78 -2.12 4.12
CA LEU A 39 8.69 -0.87 4.85
C LEU A 39 10.01 -0.10 4.82
N ALA A 40 11.13 -0.82 4.74
CA ALA A 40 12.42 -0.16 4.57
C ALA A 40 12.49 0.57 3.24
N GLY A 41 12.13 -0.13 2.15
CA GLY A 41 12.08 0.51 0.85
C GLY A 41 11.10 1.65 0.78
N LEU A 42 9.97 1.54 1.49
CA LEU A 42 9.01 2.63 1.54
C LEU A 42 9.63 3.86 2.21
N PHE A 43 10.39 3.65 3.29
CA PHE A 43 11.09 4.76 3.94
C PHE A 43 11.99 5.48 2.96
N TYR A 44 12.65 4.74 2.08
CA TYR A 44 13.57 5.33 1.12
C TYR A 44 12.82 6.15 0.08
N PHE A 45 11.75 5.61 -0.48
CA PHE A 45 11.05 6.26 -1.58
C PHE A 45 10.39 7.56 -1.13
N VAL A 46 9.92 7.62 0.13
CA VAL A 46 9.37 8.87 0.65
C VAL A 46 10.48 9.90 0.82
N LEU A 47 11.67 9.46 1.26
CA LEU A 47 12.77 10.39 1.50
C LEU A 47 13.32 10.95 0.19
N THR A 48 13.31 10.16 -0.88
CA THR A 48 13.87 10.58 -2.17
C THR A 48 12.79 11.03 -3.14
N ILE A 49 11.79 11.74 -2.64
CA ILE A 49 10.74 12.27 -3.51
C ILE A 49 11.08 13.66 -4.01
N LYS A 50 11.74 14.47 -3.19
CA LYS A 50 12.25 15.77 -3.61
C LYS A 50 13.69 15.68 -4.11
N THR A 51 14.30 14.50 -4.02
CA THR A 51 15.60 14.27 -4.62
C THR A 51 15.51 14.28 -6.15
N VAL A 52 14.33 13.96 -6.70
CA VAL A 52 14.13 13.91 -8.13
C VAL A 52 13.28 15.11 -8.56
N ALA A 53 13.31 15.38 -9.86
CA ALA A 53 12.52 16.46 -10.44
C ALA A 53 11.05 16.07 -10.49
N PRO A 54 10.14 17.06 -10.55
CA PRO A 54 8.71 16.76 -10.60
C PRO A 54 8.33 15.75 -11.68
N ARG A 55 9.07 15.70 -12.79
CA ARG A 55 8.75 14.77 -13.87
C ARG A 55 8.85 13.32 -13.40
N PHE A 56 9.80 13.02 -12.52
CA PHE A 56 10.04 11.66 -12.06
C PHE A 56 9.33 11.31 -10.75
N ARG A 57 8.56 12.23 -10.18
CA ARG A 57 7.96 11.96 -8.89
C ARG A 57 6.77 11.02 -8.98
N THR A 58 6.23 10.80 -10.19
CA THR A 58 5.21 9.78 -10.38
C THR A 58 5.79 8.39 -10.17
N SER A 59 7.03 8.17 -10.63
CA SER A 59 7.66 6.87 -10.45
C SER A 59 7.86 6.53 -8.98
N SER A 60 8.29 7.51 -8.19
CA SER A 60 8.49 7.26 -6.76
C SER A 60 7.17 6.91 -6.08
N VAL A 61 6.10 7.61 -6.43
CA VAL A 61 4.78 7.31 -5.87
C VAL A 61 4.38 5.89 -6.23
N LEU A 62 4.56 5.51 -7.51
CA LEU A 62 4.30 4.12 -7.91
C LEU A 62 5.14 3.14 -7.10
N SER A 63 6.41 3.47 -6.89
CA SER A 63 7.21 2.68 -5.96
C SER A 63 6.59 2.66 -4.58
N VAL A 64 6.11 3.82 -4.12
CA VAL A 64 5.50 3.91 -2.79
C VAL A 64 4.24 3.06 -2.70
N VAL A 65 3.37 3.19 -3.71
CA VAL A 65 2.15 2.38 -3.73
C VAL A 65 2.48 0.90 -3.75
N VAL A 66 3.46 0.52 -4.58
CA VAL A 66 3.89 -0.88 -4.65
C VAL A 66 4.42 -1.34 -3.30
N MET A 67 5.07 -0.43 -2.56
CA MET A 67 5.66 -0.82 -1.27
C MET A 67 4.58 -1.18 -0.24
N VAL A 68 3.49 -0.41 -0.20
CA VAL A 68 2.42 -0.71 0.75
C VAL A 68 1.77 -2.04 0.44
N SER A 69 1.48 -2.30 -0.84
CA SER A 69 0.77 -3.51 -1.21
C SER A 69 1.61 -4.76 -0.97
N ALA A 70 2.91 -4.70 -1.27
CA ALA A 70 3.77 -5.84 -1.01
C ALA A 70 3.91 -6.11 0.48
N PHE A 71 4.08 -5.05 1.27
CA PHE A 71 4.12 -5.18 2.73
C PHE A 71 2.88 -5.88 3.25
N LEU A 72 1.69 -5.31 2.96
CA LEU A 72 0.44 -5.89 3.44
C LEU A 72 0.28 -7.34 3.00
N LEU A 73 0.66 -7.64 1.75
CA LEU A 73 0.63 -9.01 1.28
C LEU A 73 1.56 -9.89 2.11
N LEU A 74 2.84 -9.52 2.16
CA LEU A 74 3.80 -10.27 2.96
C LEU A 74 3.44 -10.26 4.43
N TYR A 75 2.82 -9.17 4.91
CA TYR A 75 2.35 -9.12 6.29
C TYR A 75 1.23 -10.12 6.53
N VAL A 76 0.20 -10.08 5.67
CA VAL A 76 -0.94 -10.98 5.83
C VAL A 76 -0.50 -12.43 5.67
N GLN A 77 0.29 -12.71 4.64
CA GLN A 77 0.74 -14.09 4.43
C GLN A 77 1.61 -14.58 5.57
N ALA A 78 2.36 -13.68 6.21
CA ALA A 78 3.14 -14.07 7.38
C ALA A 78 2.22 -14.38 8.55
N SER A 79 1.19 -13.55 8.77
CA SER A 79 0.22 -13.83 9.82
C SER A 79 -0.56 -15.10 9.51
N ASN A 80 -1.05 -15.21 8.28
CA ASN A 80 -1.80 -16.41 7.89
C ASN A 80 -0.97 -17.67 8.07
N TRP A 81 0.32 -17.62 7.68
CA TRP A 81 1.18 -18.79 7.86
C TRP A 81 1.31 -19.17 9.33
N THR A 82 1.44 -18.17 10.20
CA THR A 82 1.57 -18.43 11.63
C THR A 82 0.33 -19.13 12.19
N GLU A 83 -0.85 -18.73 11.71
CA GLU A 83 -2.10 -19.21 12.29
C GLU A 83 -2.69 -20.42 11.58
N SER A 84 -2.29 -20.69 10.34
CA SER A 84 -2.94 -21.74 9.56
C SER A 84 -2.49 -23.14 9.94
N PHE A 85 -1.29 -23.29 10.48
CA PHE A 85 -0.73 -24.60 10.80
C PHE A 85 -0.54 -24.71 12.30
N VAL A 86 -1.21 -25.67 12.92
CA VAL A 86 -1.17 -25.85 14.36
C VAL A 86 -0.24 -27.02 14.69
N PHE A 87 0.57 -26.82 15.73
CA PHE A 87 1.54 -27.83 16.13
C PHE A 87 0.84 -29.06 16.71
N ASP A 88 1.37 -30.24 16.41
CA ASP A 88 0.87 -31.48 16.99
C ASP A 88 1.92 -32.07 17.90
N THR A 89 1.51 -32.42 19.12
CA THR A 89 2.45 -32.84 20.15
C THR A 89 2.92 -34.28 19.91
N GLU A 90 2.02 -35.17 19.47
CA GLU A 90 2.37 -36.58 19.32
C GLU A 90 3.31 -36.79 18.14
N ARG A 91 3.05 -36.14 17.01
CA ARG A 91 3.86 -36.33 15.82
C ARG A 91 5.06 -35.39 15.75
N GLY A 92 5.05 -34.31 16.54
CA GLY A 92 6.16 -33.38 16.53
C GLY A 92 6.23 -32.49 15.31
N LYS A 93 5.12 -32.31 14.61
CA LYS A 93 5.09 -31.53 13.37
C LYS A 93 3.91 -30.56 13.39
N TYR A 94 3.98 -29.56 12.50
CA TYR A 94 2.91 -28.59 12.32
C TYR A 94 2.03 -29.04 11.16
N PHE A 95 0.73 -29.17 11.41
CA PHE A 95 -0.21 -29.60 10.39
C PHE A 95 -1.23 -28.51 10.12
N LEU A 96 -1.78 -28.52 8.90
CA LEU A 96 -2.85 -27.61 8.56
C LEU A 96 -4.02 -27.79 9.53
N GLY A 97 -4.74 -26.70 9.76
CA GLY A 97 -5.84 -26.71 10.70
C GLY A 97 -6.99 -25.86 10.18
N GLU A 98 -8.07 -25.83 10.96
CA GLU A 98 -9.29 -25.17 10.53
C GLU A 98 -9.31 -23.70 10.90
N GLY A 99 -9.69 -22.88 9.93
CA GLY A 99 -10.30 -21.60 10.20
C GLY A 99 -10.77 -21.02 8.88
N ASN A 100 -11.16 -19.76 8.93
CA ASN A 100 -11.09 -18.95 7.73
C ASN A 100 -9.70 -18.32 7.72
N ASP A 101 -9.44 -17.48 6.72
CA ASP A 101 -8.18 -16.75 6.60
C ASP A 101 -6.99 -17.70 6.72
N LEU A 102 -7.04 -18.78 5.95
CA LEU A 102 -5.93 -19.73 5.89
C LEU A 102 -4.91 -19.28 4.86
N PHE A 103 -3.69 -19.77 5.00
CA PHE A 103 -2.61 -19.37 4.09
C PHE A 103 -2.92 -19.88 2.69
N ASN A 104 -2.96 -18.97 1.72
CA ASN A 104 -3.14 -19.31 0.32
C ASN A 104 -2.11 -18.56 -0.49
N ASN A 105 -1.30 -19.30 -1.26
CA ASN A 105 -0.32 -18.69 -2.14
C ASN A 105 -0.95 -18.03 -3.35
N GLY A 106 -2.24 -18.28 -3.61
CA GLY A 106 -2.93 -17.62 -4.69
C GLY A 106 -3.26 -16.16 -4.42
N TYR A 107 -3.30 -15.78 -3.13
CA TYR A 107 -3.43 -14.37 -2.78
C TYR A 107 -2.26 -13.58 -3.36
N ARG A 108 -1.07 -14.16 -3.35
CA ARG A 108 0.10 -13.56 -3.99
C ARG A 108 -0.18 -13.23 -5.45
N TYR A 109 -0.87 -14.13 -6.15
CA TYR A 109 -1.17 -13.91 -7.57
C TYR A 109 -2.01 -12.67 -7.77
N LEU A 110 -3.10 -12.54 -7.00
CA LEU A 110 -3.99 -11.39 -7.14
C LEU A 110 -3.26 -10.08 -6.83
N ASN A 111 -2.27 -10.13 -5.94
CA ASN A 111 -1.44 -8.96 -5.70
C ASN A 111 -0.66 -8.59 -6.94
N TRP A 112 -0.05 -9.58 -7.60
CA TRP A 112 0.70 -9.33 -8.83
C TRP A 112 -0.19 -8.75 -9.91
N LEU A 113 -1.48 -9.11 -9.91
CA LEU A 113 -2.41 -8.63 -10.93
C LEU A 113 -2.41 -7.11 -11.03
N ILE A 114 -2.17 -6.41 -9.92
CA ILE A 114 -2.09 -4.97 -9.91
C ILE A 114 -0.66 -4.47 -9.72
N ASP A 115 0.19 -5.23 -9.03
CA ASP A 115 1.57 -4.82 -8.84
C ASP A 115 2.37 -4.91 -10.13
N VAL A 116 2.11 -5.93 -10.95
CA VAL A 116 2.86 -6.09 -12.20
C VAL A 116 2.69 -4.89 -13.13
N PRO A 117 1.46 -4.44 -13.43
CA PRO A 117 1.35 -3.22 -14.29
C PRO A 117 2.05 -2.01 -13.71
N MET A 118 1.92 -1.77 -12.40
CA MET A 118 2.61 -0.63 -11.80
C MET A 118 4.12 -0.72 -12.00
N LEU A 119 4.70 -1.88 -11.65
CA LEU A 119 6.13 -2.09 -11.85
C LEU A 119 6.50 -1.99 -13.33
N LEU A 120 5.56 -2.30 -14.22
CA LEU A 120 5.79 -2.15 -15.65
C LEU A 120 5.59 -0.70 -16.08
N PHE A 121 4.62 0.00 -15.49
CA PHE A 121 4.32 1.37 -15.88
C PHE A 121 5.43 2.33 -15.46
N GLN A 122 5.89 2.22 -14.22
CA GLN A 122 6.73 3.26 -13.64
C GLN A 122 8.04 3.44 -14.38
N ILE A 123 8.48 2.44 -15.17
CA ILE A 123 9.66 2.66 -15.98
C ILE A 123 9.34 3.53 -17.18
N LEU A 124 8.11 3.48 -17.68
CA LEU A 124 7.70 4.37 -18.75
C LEU A 124 7.63 5.82 -18.29
N PHE A 125 7.45 6.05 -16.99
CA PHE A 125 7.47 7.38 -16.43
C PHE A 125 8.89 7.88 -16.19
N VAL A 126 9.86 6.97 -16.07
CA VAL A 126 11.26 7.36 -15.98
C VAL A 126 11.88 7.49 -17.37
N VAL A 127 11.57 6.56 -18.26
CA VAL A 127 12.29 6.37 -19.51
C VAL A 127 11.48 6.94 -20.66
N THR A 128 12.14 7.70 -21.53
CA THR A 128 11.50 8.27 -22.71
C THR A 128 11.33 7.20 -23.79
N LEU A 129 10.29 7.35 -24.59
CA LEU A 129 10.03 6.47 -25.72
C LEU A 129 10.43 7.16 -27.02
N THR A 130 11.37 6.55 -27.74
CA THR A 130 11.74 6.99 -29.08
C THR A 130 11.25 5.95 -30.08
N LYS A 131 10.61 6.43 -31.16
CA LYS A 131 10.00 5.61 -32.21
C LYS A 131 8.98 4.61 -31.67
N SER A 132 8.37 4.92 -30.52
CA SER A 132 7.23 4.18 -30.00
C SER A 132 6.36 5.12 -29.19
N ASN A 133 5.04 4.96 -29.29
CA ASN A 133 4.13 5.84 -28.57
C ASN A 133 3.82 5.26 -27.20
N PHE A 134 3.79 6.16 -26.20
CA PHE A 134 3.60 5.77 -24.81
C PHE A 134 2.33 4.94 -24.62
N SER A 135 1.28 5.28 -25.36
CA SER A 135 -0.02 4.63 -25.16
C SER A 135 0.05 3.14 -25.45
N SER A 136 0.46 2.77 -26.68
CA SER A 136 0.43 1.36 -27.08
C SER A 136 1.33 0.51 -26.19
N ILE A 137 2.52 1.01 -25.88
CA ILE A 137 3.43 0.26 -25.00
C ILE A 137 2.79 0.01 -23.65
N ARG A 138 2.35 1.09 -23.00
CA ARG A 138 1.63 0.96 -21.74
C ARG A 138 0.40 0.06 -21.88
N ASN A 139 -0.34 0.21 -22.99
CA ASN A 139 -1.57 -0.56 -23.16
C ASN A 139 -1.28 -2.04 -23.37
N GLN A 140 -0.21 -2.36 -24.10
CA GLN A 140 0.14 -3.76 -24.31
C GLN A 140 0.76 -4.36 -23.05
N PHE A 141 1.54 -3.59 -22.31
CA PHE A 141 1.97 -3.98 -20.97
C PHE A 141 0.79 -4.45 -20.14
N TRP A 142 -0.25 -3.62 -20.09
CA TRP A 142 -1.40 -3.88 -19.23
C TRP A 142 -2.07 -5.20 -19.59
N ILE A 143 -2.46 -5.36 -20.85
CA ILE A 143 -3.23 -6.54 -21.24
C ILE A 143 -2.39 -7.81 -21.12
N SER A 144 -1.12 -7.75 -21.51
CA SER A 144 -0.28 -8.94 -21.51
C SER A 144 0.07 -9.37 -20.08
N GLY A 145 0.61 -8.45 -19.28
CA GLY A 145 0.91 -8.78 -17.90
C GLY A 145 -0.31 -9.24 -17.13
N THR A 146 -1.44 -8.58 -17.32
CA THR A 146 -2.69 -9.03 -16.72
C THR A 146 -3.08 -10.41 -17.26
N GLY A 147 -2.95 -10.61 -18.59
CA GLY A 147 -3.21 -11.91 -19.16
C GLY A 147 -2.22 -12.96 -18.70
N MET A 148 -0.98 -12.55 -18.44
CA MET A 148 0.01 -13.48 -17.88
C MET A 148 -0.43 -13.98 -16.51
N ILE A 149 -0.87 -13.07 -15.65
CA ILE A 149 -1.15 -13.42 -14.26
C ILE A 149 -2.45 -14.21 -14.15
N VAL A 150 -3.48 -13.84 -14.92
CA VAL A 150 -4.79 -14.48 -14.75
C VAL A 150 -4.72 -15.94 -15.14
N THR A 151 -4.08 -16.24 -16.28
CA THR A 151 -4.00 -17.64 -16.72
C THR A 151 -3.01 -18.42 -15.86
N GLY A 152 -1.91 -17.79 -15.46
CA GLY A 152 -1.03 -18.41 -14.48
C GLY A 152 -1.71 -18.61 -13.14
N TYR A 153 -2.60 -17.69 -12.76
CA TYR A 153 -3.45 -17.91 -11.59
C TYR A 153 -4.29 -19.16 -11.78
N ILE A 154 -4.87 -19.34 -12.96
CA ILE A 154 -5.72 -20.49 -13.23
C ILE A 154 -4.92 -21.79 -13.11
N GLY A 155 -3.72 -21.81 -13.70
CA GLY A 155 -2.94 -23.04 -13.72
C GLY A 155 -2.60 -23.56 -12.34
N GLN A 156 -2.31 -22.65 -11.40
CA GLN A 156 -1.96 -23.04 -10.05
C GLN A 156 -3.09 -23.84 -9.37
N PHE A 157 -4.34 -23.59 -9.76
CA PHE A 157 -5.45 -24.36 -9.21
C PHE A 157 -5.30 -25.84 -9.51
N TYR A 158 -4.61 -26.18 -10.60
CA TYR A 158 -4.38 -27.56 -11.00
C TYR A 158 -2.97 -28.02 -10.68
N GLU A 159 -2.34 -27.36 -9.70
CA GLU A 159 -0.96 -27.67 -9.32
C GLU A 159 -0.79 -29.13 -8.88
N VAL A 160 -1.85 -29.73 -8.34
CA VAL A 160 -1.74 -31.07 -7.77
C VAL A 160 -2.82 -31.99 -8.33
N THR A 161 -4.04 -31.47 -8.47
CA THR A 161 -5.15 -32.31 -8.89
C THR A 161 -5.08 -32.69 -10.36
N ASP A 162 -4.46 -31.85 -11.19
CA ASP A 162 -4.45 -32.07 -12.64
C ASP A 162 -3.19 -31.42 -13.21
N LEU A 163 -2.11 -32.18 -13.25
CA LEU A 163 -0.84 -31.67 -13.78
C LEU A 163 -0.93 -31.31 -15.25
N THR A 164 -1.89 -31.89 -15.99
CA THR A 164 -2.00 -31.61 -17.41
C THR A 164 -2.56 -30.22 -17.67
N MET A 165 -3.61 -29.82 -16.94
CA MET A 165 -4.11 -28.46 -17.05
C MET A 165 -3.11 -27.46 -16.50
N PHE A 166 -2.43 -27.82 -15.40
CA PHE A 166 -1.32 -27.04 -14.87
C PHE A 166 -0.28 -26.74 -15.95
N ALA A 167 -0.14 -27.64 -16.93
CA ALA A 167 0.82 -27.45 -18.01
C ALA A 167 0.32 -26.46 -19.05
N ILE A 168 -0.87 -26.72 -19.62
CA ILE A 168 -1.37 -25.88 -20.71
C ILE A 168 -1.57 -24.44 -20.25
N TRP A 169 -2.24 -24.26 -19.11
CA TRP A 169 -2.49 -22.90 -18.60
C TRP A 169 -1.19 -22.21 -18.24
N GLY A 170 -0.29 -22.91 -17.55
CA GLY A 170 0.99 -22.32 -17.21
C GLY A 170 1.86 -22.03 -18.40
N ALA A 171 1.61 -22.69 -19.53
CA ALA A 171 2.39 -22.42 -20.73
C ALA A 171 1.80 -21.26 -21.53
N ILE A 172 0.47 -21.12 -21.53
CA ILE A 172 -0.16 -19.99 -22.17
C ILE A 172 0.35 -18.68 -21.58
N SER A 173 0.57 -18.66 -20.26
CA SER A 173 1.03 -17.44 -19.59
C SER A 173 2.50 -17.16 -19.86
N THR A 174 3.34 -18.19 -20.02
CA THR A 174 4.75 -17.95 -20.20
C THR A 174 5.05 -17.35 -21.58
N VAL A 175 4.13 -17.45 -22.53
CA VAL A 175 4.28 -16.68 -23.76
C VAL A 175 3.77 -15.25 -23.53
N PHE A 176 2.77 -15.07 -22.66
CA PHE A 176 2.41 -13.72 -22.22
C PHE A 176 3.57 -13.09 -21.47
N PHE A 177 4.30 -13.90 -20.69
CA PHE A 177 5.57 -13.45 -20.13
C PHE A 177 6.52 -13.01 -21.24
N PHE A 178 6.78 -13.91 -22.20
CA PHE A 178 7.68 -13.58 -23.30
C PHE A 178 7.23 -12.33 -24.05
N HIS A 179 5.93 -12.05 -24.05
CA HIS A 179 5.45 -10.77 -24.57
C HIS A 179 5.98 -9.62 -23.74
N ILE A 180 5.90 -9.74 -22.41
CA ILE A 180 6.39 -8.69 -21.51
C ILE A 180 7.83 -8.35 -21.83
N LEU A 181 8.69 -9.37 -21.89
CA LEU A 181 10.11 -9.13 -22.15
C LEU A 181 10.34 -8.57 -23.55
N TRP A 182 9.43 -8.87 -24.48
CA TRP A 182 9.54 -8.37 -25.85
C TRP A 182 9.07 -6.92 -25.97
N LEU A 183 8.20 -6.46 -25.08
CA LEU A 183 7.84 -5.05 -25.03
C LEU A 183 8.76 -4.26 -24.11
N MET A 184 9.31 -4.94 -23.11
CA MET A 184 10.19 -4.29 -22.14
C MET A 184 11.56 -3.98 -22.74
N LYS A 185 12.03 -4.83 -23.65
CA LYS A 185 13.37 -4.67 -24.20
C LYS A 185 13.52 -3.34 -24.91
N LYS A 186 12.53 -2.98 -25.74
CA LYS A 186 12.61 -1.72 -26.47
C LYS A 186 12.51 -0.53 -25.53
N VAL A 187 11.70 -0.64 -24.47
CA VAL A 187 11.65 0.39 -23.45
C VAL A 187 13.05 0.66 -22.92
N ILE A 188 13.78 -0.40 -22.57
CA ILE A 188 15.17 -0.26 -22.14
C ILE A 188 16.00 0.31 -23.28
N ASP A 189 15.91 -0.30 -24.45
CA ASP A 189 16.75 0.07 -25.57
C ASP A 189 16.52 1.53 -25.98
N GLU A 190 15.28 1.87 -26.33
CA GLU A 190 14.99 3.21 -26.82
C GLU A 190 15.27 4.27 -25.77
N GLY A 191 14.95 3.97 -24.51
CA GLY A 191 15.24 4.92 -23.45
C GLY A 191 16.69 5.01 -23.07
N LYS A 192 17.52 4.06 -23.50
CA LYS A 192 18.94 4.05 -23.10
C LYS A 192 19.72 5.14 -23.84
N ASP A 193 19.76 5.07 -25.17
CA ASP A 193 20.55 6.02 -25.93
C ASP A 193 19.96 7.42 -25.79
N GLY A 194 20.84 8.41 -25.74
CA GLY A 194 20.44 9.79 -25.54
C GLY A 194 20.69 10.32 -24.14
N ILE A 195 20.69 9.46 -23.13
CA ILE A 195 20.99 9.88 -21.76
C ILE A 195 22.42 9.47 -21.44
N PRO A 196 23.02 9.95 -20.35
CA PRO A 196 24.39 9.53 -20.00
C PRO A 196 24.55 8.02 -19.95
N ALA A 197 25.71 7.55 -20.40
CA ALA A 197 25.95 6.12 -20.54
C ALA A 197 25.89 5.40 -19.20
N LYS A 198 26.25 6.06 -18.11
CA LYS A 198 26.17 5.44 -16.80
C LYS A 198 24.72 5.12 -16.43
N ALA A 199 23.78 5.99 -16.85
CA ALA A 199 22.36 5.67 -16.64
C ALA A 199 21.91 4.51 -17.51
N GLN A 200 22.52 4.35 -18.70
CA GLN A 200 22.23 3.19 -19.52
C GLN A 200 22.75 1.91 -18.88
N GLU A 201 23.94 1.99 -18.26
CA GLU A 201 24.49 0.84 -17.54
C GLU A 201 23.58 0.45 -16.39
N THR A 202 23.13 1.44 -15.62
CA THR A 202 22.09 1.19 -14.63
C THR A 202 20.90 0.49 -15.29
N LEU A 203 20.38 1.08 -16.38
CA LEU A 203 19.20 0.55 -17.04
C LEU A 203 19.40 -0.87 -17.54
N GLN A 204 20.62 -1.22 -17.95
CA GLN A 204 20.88 -2.61 -18.34
C GLN A 204 20.87 -3.53 -17.14
N SER A 205 21.49 -3.09 -16.04
CA SER A 205 21.37 -3.82 -14.78
C SER A 205 19.91 -3.96 -14.37
N ILE A 206 19.11 -2.92 -14.63
CA ILE A 206 17.67 -3.00 -14.37
C ILE A 206 17.03 -4.05 -15.28
N TRP A 207 17.57 -4.26 -16.48
CA TRP A 207 16.98 -5.25 -17.38
C TRP A 207 17.33 -6.67 -16.98
N VAL A 208 18.61 -6.94 -16.71
CA VAL A 208 19.01 -8.29 -16.30
C VAL A 208 18.37 -8.64 -14.96
N LEU A 209 18.32 -7.67 -14.04
CA LEU A 209 17.58 -7.87 -12.79
C LEU A 209 16.12 -8.16 -13.07
N PHE A 210 15.51 -7.38 -13.97
CA PHE A 210 14.14 -7.64 -14.42
C PHE A 210 14.01 -9.07 -14.92
N LEU A 211 14.86 -9.44 -15.88
CA LEU A 211 14.87 -10.79 -16.43
C LEU A 211 14.89 -11.85 -15.34
N VAL A 212 15.94 -11.83 -14.51
CA VAL A 212 16.15 -12.88 -13.51
C VAL A 212 14.96 -12.98 -12.56
N SER A 213 14.65 -11.87 -11.88
CA SER A 213 13.66 -11.89 -10.81
C SER A 213 12.30 -12.40 -11.32
N TRP A 214 11.91 -11.97 -12.51
CA TRP A 214 10.61 -12.37 -13.04
C TRP A 214 10.58 -13.83 -13.50
N MET A 215 11.74 -14.48 -13.58
CA MET A 215 11.78 -15.92 -13.83
C MET A 215 11.60 -16.73 -12.56
N LEU A 216 11.87 -16.12 -11.40
CA LEU A 216 11.69 -16.83 -10.14
C LEU A 216 10.22 -17.13 -9.88
N TYR A 217 9.32 -16.35 -10.44
CA TYR A 217 7.90 -16.51 -10.18
C TYR A 217 7.35 -17.74 -10.91
N PRO A 218 7.68 -17.98 -12.18
CA PRO A 218 7.43 -19.31 -12.74
C PRO A 218 8.40 -20.37 -12.25
N GLY A 219 9.59 -19.97 -11.80
CA GLY A 219 10.52 -20.94 -11.24
C GLY A 219 10.02 -21.52 -9.92
N ALA A 220 9.45 -20.69 -9.06
CA ALA A 220 8.78 -21.19 -7.87
C ALA A 220 7.51 -21.93 -8.24
N TYR A 221 6.81 -21.46 -9.28
CA TYR A 221 5.69 -22.20 -9.86
C TYR A 221 6.11 -23.60 -10.29
N LEU A 222 7.39 -23.81 -10.54
CA LEU A 222 7.95 -25.10 -10.92
C LEU A 222 8.71 -25.78 -9.78
N MET A 223 8.64 -25.23 -8.56
CA MET A 223 9.32 -25.87 -7.44
C MET A 223 8.73 -27.22 -7.08
N PRO A 224 7.40 -27.40 -6.94
CA PRO A 224 6.88 -28.74 -6.62
C PRO A 224 7.28 -29.81 -7.62
N HIS A 225 7.38 -29.48 -8.91
CA HIS A 225 7.74 -30.47 -9.91
C HIS A 225 9.05 -30.12 -10.61
N LEU A 226 10.10 -29.86 -9.85
CA LEU A 226 11.43 -29.61 -10.42
C LEU A 226 12.27 -30.87 -10.42
N ALA A 227 12.50 -31.48 -9.24
CA ALA A 227 13.25 -32.71 -9.13
C ALA A 227 12.36 -33.90 -9.50
N GLY A 228 11.80 -33.82 -10.70
CA GLY A 228 10.77 -34.74 -11.13
C GLY A 228 9.43 -34.33 -10.57
N ILE A 229 8.40 -35.00 -11.07
CA ILE A 229 7.02 -34.67 -10.72
C ILE A 229 6.78 -34.63 -9.20
N GLU A 230 6.99 -35.76 -8.49
CA GLU A 230 6.89 -35.86 -7.02
C GLU A 230 8.22 -36.18 -6.34
N GLY A 231 9.31 -35.46 -6.59
CA GLY A 231 10.62 -35.78 -6.03
C GLY A 231 10.92 -35.13 -4.70
N LEU A 232 12.18 -34.73 -4.52
CA LEU A 232 12.61 -34.09 -3.27
C LEU A 232 11.81 -32.83 -2.99
N PHE A 233 11.35 -32.13 -4.02
CA PHE A 233 10.70 -30.84 -3.86
C PHE A 233 9.19 -30.92 -3.72
N PHE A 234 8.59 -32.10 -3.93
CA PHE A 234 7.20 -32.31 -3.52
C PHE A 234 7.09 -32.61 -2.03
N SER A 235 7.90 -31.92 -1.23
CA SER A 235 7.95 -32.12 0.21
C SER A 235 7.92 -30.75 0.88
N GLU A 236 8.15 -30.71 2.20
CA GLU A 236 8.13 -29.43 2.88
C GLU A 236 9.25 -28.52 2.41
N ILE A 237 10.40 -29.08 2.03
CA ILE A 237 11.51 -28.26 1.55
C ILE A 237 11.11 -27.53 0.26
N GLY A 238 10.30 -28.18 -0.58
CA GLY A 238 9.77 -27.49 -1.75
C GLY A 238 8.84 -26.37 -1.37
N VAL A 239 8.15 -26.49 -0.23
CA VAL A 239 7.33 -25.39 0.28
C VAL A 239 8.22 -24.28 0.83
N VAL A 240 9.17 -24.64 1.71
CA VAL A 240 10.20 -23.68 2.11
C VAL A 240 10.75 -22.99 0.86
N ALA A 241 11.47 -23.76 0.03
CA ALA A 241 12.15 -23.21 -1.15
C ALA A 241 11.30 -22.24 -1.94
N ARG A 242 10.00 -22.51 -2.07
CA ARG A 242 9.12 -21.61 -2.82
C ARG A 242 9.02 -20.25 -2.15
N GLN A 243 8.83 -20.24 -0.82
CA GLN A 243 8.58 -18.98 -0.14
C GLN A 243 9.85 -18.15 0.05
N ILE A 244 11.04 -18.75 0.23
CA ILE A 244 12.24 -17.92 0.14
C ILE A 244 12.32 -17.29 -1.24
N THR A 245 12.29 -18.13 -2.30
CA THR A 245 12.37 -17.65 -3.68
C THR A 245 11.48 -16.43 -3.92
N TYR A 246 10.21 -16.52 -3.55
CA TYR A 246 9.30 -15.39 -3.66
C TYR A 246 9.86 -14.17 -2.94
N THR A 247 10.32 -14.36 -1.70
CA THR A 247 10.90 -13.26 -0.95
C THR A 247 12.18 -12.75 -1.59
N ILE A 248 13.00 -13.66 -2.15
CA ILE A 248 14.16 -13.22 -2.93
C ILE A 248 13.70 -12.39 -4.12
N ALA A 249 12.68 -12.88 -4.83
CA ALA A 249 12.18 -12.17 -6.00
C ALA A 249 11.53 -10.84 -5.63
N ASP A 250 10.75 -10.83 -4.54
CA ASP A 250 9.97 -9.64 -4.21
C ASP A 250 10.86 -8.45 -3.90
N VAL A 251 11.95 -8.66 -3.15
CA VAL A 251 12.90 -7.58 -2.91
C VAL A 251 13.53 -7.14 -4.22
N SER A 252 13.94 -8.11 -5.04
CA SER A 252 14.57 -7.79 -6.32
C SER A 252 13.60 -7.05 -7.25
N SER A 253 12.40 -7.60 -7.41
CA SER A 253 11.46 -7.10 -8.40
C SER A 253 10.84 -5.75 -8.03
N LYS A 254 10.91 -5.38 -6.76
CA LYS A 254 10.19 -4.21 -6.32
C LYS A 254 11.10 -3.16 -5.64
N VAL A 255 11.78 -3.58 -4.58
CA VAL A 255 12.67 -2.67 -3.84
C VAL A 255 13.90 -2.32 -4.67
N ILE A 256 14.67 -3.34 -5.03
CA ILE A 256 15.88 -3.12 -5.83
C ILE A 256 15.53 -2.52 -7.18
N TYR A 257 14.47 -3.02 -7.81
CA TYR A 257 14.02 -2.50 -9.09
C TYR A 257 13.64 -1.02 -8.99
N GLY A 258 12.90 -0.65 -7.94
CA GLY A 258 12.51 0.74 -7.78
C GLY A 258 13.65 1.63 -7.34
N ILE A 259 14.52 1.13 -6.47
CA ILE A 259 15.70 1.88 -6.06
C ILE A 259 16.55 2.23 -7.28
N LEU A 260 16.68 1.29 -8.21
CA LEU A 260 17.49 1.53 -9.41
C LEU A 260 16.79 2.47 -10.40
N LEU A 261 15.47 2.41 -10.49
CA LEU A 261 14.75 3.36 -11.33
C LEU A 261 14.90 4.78 -10.81
N THR A 262 15.05 4.94 -9.49
CA THR A 262 15.23 6.27 -8.92
C THR A 262 16.62 6.82 -9.20
N ASN A 263 17.64 5.97 -9.08
CA ASN A 263 19.01 6.40 -9.40
C ASN A 263 19.08 6.98 -10.80
N VAL A 264 18.43 6.31 -11.76
CA VAL A 264 18.31 6.83 -13.11
C VAL A 264 17.64 8.20 -13.08
N ALA A 265 16.50 8.31 -12.39
CA ALA A 265 15.80 9.59 -12.30
C ALA A 265 16.63 10.65 -11.59
N GLN A 266 17.47 10.26 -10.62
CA GLN A 266 18.36 11.21 -9.97
C GLN A 266 19.46 11.66 -10.92
N VAL A 267 20.04 10.72 -11.68
CA VAL A 267 21.11 11.05 -12.61
C VAL A 267 20.61 12.02 -13.67
N MET A 268 19.41 11.77 -14.20
CA MET A 268 18.76 12.71 -15.11
C MET A 268 18.29 13.98 -14.42
N SER A 269 18.54 14.12 -13.12
CA SER A 269 18.06 15.25 -12.31
C SER A 269 16.54 15.29 -12.29
N ASN B 6 -3.36 22.55 -11.05
CA ASN B 6 -2.81 23.79 -11.58
C ASN B 6 -2.47 24.76 -10.44
N ALA B 7 -3.05 24.50 -9.27
CA ALA B 7 -2.79 25.26 -8.05
C ALA B 7 -3.54 24.65 -6.88
N THR B 8 -2.88 24.47 -5.74
CA THR B 8 -3.55 24.01 -4.54
C THR B 8 -4.15 25.18 -3.78
N PHE B 9 -5.24 24.90 -3.05
CA PHE B 9 -5.91 25.93 -2.26
C PHE B 9 -4.92 26.66 -1.35
N GLU B 10 -4.09 25.91 -0.64
CA GLU B 10 -3.10 26.51 0.24
C GLU B 10 -2.04 27.27 -0.53
N ASN B 11 -1.70 26.82 -1.74
CA ASN B 11 -0.70 27.48 -2.55
C ASN B 11 -1.20 28.84 -3.05
N TYR B 12 -2.42 28.86 -3.57
CA TYR B 12 -2.99 30.12 -4.07
C TYR B 12 -3.06 31.17 -2.97
N ILE B 13 -3.63 30.80 -1.82
CA ILE B 13 -3.73 31.73 -0.69
C ILE B 13 -2.33 32.20 -0.27
N GLY B 14 -1.40 31.26 -0.14
CA GLY B 14 -0.05 31.58 0.29
C GLY B 14 0.73 32.43 -0.68
N LEU B 15 0.40 32.37 -1.97
CA LEU B 15 1.12 33.15 -2.98
C LEU B 15 0.45 34.49 -3.27
N GLN B 16 -0.88 34.55 -3.21
CA GLN B 16 -1.62 35.77 -3.55
C GLN B 16 -2.02 36.57 -2.31
N ASP B 17 -2.79 35.96 -1.41
CA ASP B 17 -3.25 36.66 -0.23
C ASP B 17 -2.15 36.76 0.82
N GLY B 18 -1.52 35.64 1.16
CA GLY B 18 -0.56 35.59 2.24
C GLY B 18 -1.20 35.19 3.56
N PHE B 19 -0.35 35.00 4.57
CA PHE B 19 -0.79 34.54 5.88
C PHE B 19 -0.38 35.53 6.95
N ASN B 20 -1.36 35.97 7.74
CA ASN B 20 -1.06 36.72 8.95
C ASN B 20 -0.44 35.78 9.99
N GLU B 21 0.16 36.38 11.02
CA GLU B 21 0.91 35.60 11.99
C GLU B 21 0.06 34.52 12.64
N MET B 22 -1.13 34.90 13.11
CA MET B 22 -2.01 33.95 13.81
C MET B 22 -2.27 32.70 12.98
N ALA B 23 -2.72 32.90 11.73
CA ALA B 23 -3.03 31.76 10.87
C ALA B 23 -1.80 30.93 10.59
N TYR B 24 -0.68 31.59 10.29
CA TYR B 24 0.57 30.87 9.99
C TYR B 24 1.00 30.01 11.15
N GLN B 25 0.91 30.54 12.38
CA GLN B 25 1.34 29.78 13.55
C GLN B 25 0.31 28.75 13.99
N MET B 26 -0.96 28.92 13.59
CA MET B 26 -1.99 27.95 13.97
C MET B 26 -1.87 26.67 13.15
N VAL B 27 -1.48 26.79 11.88
CA VAL B 27 -1.30 25.61 11.03
C VAL B 27 -0.16 24.75 11.56
N ALA B 28 0.99 25.38 11.83
CA ALA B 28 2.11 24.66 12.42
C ALA B 28 1.72 24.06 13.77
N HIS B 29 1.01 24.84 14.59
CA HIS B 29 0.56 24.37 15.89
C HIS B 29 -0.28 23.11 15.79
N VAL B 30 -1.28 23.13 14.91
CA VAL B 30 -2.15 21.95 14.76
C VAL B 30 -1.38 20.80 14.10
N LEU B 31 -0.39 21.11 13.26
CA LEU B 31 0.41 20.06 12.65
C LEU B 31 1.35 19.41 13.66
N THR B 32 1.97 20.22 14.52
CA THR B 32 2.83 19.68 15.55
C THR B 32 2.03 18.92 16.60
N LEU B 33 0.84 19.42 16.94
CA LEU B 33 -0.05 18.65 17.79
C LEU B 33 -0.36 17.30 17.16
N GLY B 34 -0.52 17.28 15.83
CA GLY B 34 -0.78 16.05 15.10
C GLY B 34 0.24 14.96 15.35
N TYR B 35 1.51 15.21 15.00
CA TYR B 35 2.53 14.17 15.17
C TYR B 35 2.82 13.90 16.64
N ALA B 36 2.53 14.84 17.53
CA ALA B 36 2.66 14.58 18.96
C ALA B 36 1.65 13.53 19.40
N VAL B 37 0.41 13.62 18.91
CA VAL B 37 -0.59 12.59 19.21
C VAL B 37 -0.19 11.26 18.58
N MET B 38 0.48 11.29 17.42
CA MET B 38 0.96 10.05 16.82
C MET B 38 2.06 9.42 17.65
N LEU B 39 3.01 10.23 18.12
CA LEU B 39 4.07 9.73 18.98
C LEU B 39 3.51 9.19 20.28
N ALA B 40 2.51 9.87 20.84
CA ALA B 40 1.91 9.42 22.09
C ALA B 40 1.09 8.16 21.90
N GLY B 41 0.38 8.05 20.77
CA GLY B 41 -0.32 6.82 20.47
C GLY B 41 0.64 5.65 20.28
N LEU B 42 1.80 5.92 19.67
CA LEU B 42 2.83 4.90 19.53
C LEU B 42 3.21 4.32 20.89
N PHE B 43 3.28 5.16 21.92
CA PHE B 43 3.57 4.69 23.26
C PHE B 43 2.50 3.72 23.73
N TYR B 44 1.24 4.07 23.52
CA TYR B 44 0.13 3.21 23.95
C TYR B 44 0.19 1.85 23.26
N PHE B 45 0.45 1.84 21.96
CA PHE B 45 0.36 0.58 21.21
C PHE B 45 1.51 -0.35 21.56
N VAL B 46 2.73 0.17 21.67
CA VAL B 46 3.85 -0.65 22.11
C VAL B 46 3.62 -1.15 23.52
N LEU B 47 3.02 -0.31 24.37
CA LEU B 47 2.80 -0.67 25.77
C LEU B 47 1.65 -1.65 25.96
N THR B 48 0.78 -1.80 24.97
CA THR B 48 -0.38 -2.69 25.09
C THR B 48 -0.25 -3.96 24.28
N ILE B 49 0.86 -4.14 23.56
CA ILE B 49 1.02 -5.28 22.67
C ILE B 49 0.91 -6.60 23.44
N LYS B 50 1.20 -6.58 24.73
CA LYS B 50 1.16 -7.77 25.56
C LYS B 50 -0.22 -8.03 26.16
N THR B 51 -1.17 -7.11 25.98
CA THR B 51 -2.49 -7.23 26.57
C THR B 51 -3.44 -8.10 25.76
N VAL B 52 -2.98 -8.64 24.62
CA VAL B 52 -3.83 -9.43 23.73
C VAL B 52 -3.12 -10.74 23.41
N ALA B 53 -3.90 -11.69 22.94
CA ALA B 53 -3.30 -12.96 22.53
C ALA B 53 -2.48 -12.72 21.28
N PRO B 54 -1.52 -13.60 20.99
CA PRO B 54 -0.61 -13.37 19.85
C PRO B 54 -1.30 -13.10 18.52
N ARG B 55 -2.47 -13.70 18.28
CA ARG B 55 -3.13 -13.55 16.98
C ARG B 55 -3.63 -12.13 16.73
N PHE B 56 -3.66 -11.30 17.76
CA PHE B 56 -4.20 -9.93 17.63
C PHE B 56 -3.07 -8.91 17.70
N ARG B 57 -1.83 -9.37 17.82
CA ARG B 57 -0.71 -8.44 17.81
C ARG B 57 -0.37 -7.99 16.41
N THR B 58 -0.85 -8.69 15.38
CA THR B 58 -0.72 -8.19 14.01
C THR B 58 -1.47 -6.89 13.83
N SER B 59 -2.58 -6.71 14.55
CA SER B 59 -3.32 -5.46 14.49
C SER B 59 -2.62 -4.35 15.27
N SER B 60 -2.09 -4.69 16.44
CA SER B 60 -1.38 -3.70 17.26
C SER B 60 -0.13 -3.20 16.56
N VAL B 61 0.65 -4.11 15.98
CA VAL B 61 1.87 -3.72 15.26
C VAL B 61 1.52 -2.87 14.05
N LEU B 62 0.42 -3.21 13.37
CA LEU B 62 -0.04 -2.39 12.26
C LEU B 62 -0.35 -0.97 12.73
N SER B 63 -0.99 -0.84 13.89
CA SER B 63 -1.21 0.49 14.47
C SER B 63 0.12 1.20 14.70
N VAL B 64 1.12 0.49 15.24
CA VAL B 64 2.45 1.07 15.42
C VAL B 64 2.99 1.58 14.10
N VAL B 65 2.86 0.76 13.05
CA VAL B 65 3.34 1.17 11.73
C VAL B 65 2.58 2.41 11.26
N VAL B 66 1.26 2.43 11.45
CA VAL B 66 0.48 3.60 11.09
C VAL B 66 0.95 4.83 11.86
N MET B 67 1.27 4.65 13.14
CA MET B 67 1.72 5.78 13.96
C MET B 67 3.04 6.34 13.44
N VAL B 68 4.02 5.46 13.19
CA VAL B 68 5.34 5.91 12.77
C VAL B 68 5.25 6.74 11.49
N SER B 69 4.63 6.17 10.45
CA SER B 69 4.56 6.86 9.17
C SER B 69 3.72 8.13 9.27
N ALA B 70 2.61 8.08 10.02
CA ALA B 70 1.79 9.28 10.20
C ALA B 70 2.58 10.34 10.95
N PHE B 71 3.25 9.96 12.03
CA PHE B 71 4.11 10.89 12.76
C PHE B 71 5.16 11.50 11.83
N LEU B 72 5.92 10.65 11.14
CA LEU B 72 6.99 11.13 10.29
C LEU B 72 6.47 12.06 9.20
N LEU B 73 5.37 11.70 8.55
CA LEU B 73 4.87 12.50 7.44
C LEU B 73 4.19 13.77 7.93
N LEU B 74 3.46 13.70 9.04
CA LEU B 74 2.95 14.92 9.64
C LEU B 74 4.07 15.80 10.17
N TYR B 75 5.21 15.18 10.51
CA TYR B 75 6.37 15.95 10.95
C TYR B 75 6.96 16.76 9.82
N VAL B 76 7.12 16.15 8.64
CA VAL B 76 7.69 16.84 7.50
C VAL B 76 6.82 18.02 7.10
N GLN B 77 5.49 17.85 7.15
CA GLN B 77 4.58 18.94 6.83
C GLN B 77 4.81 20.13 7.74
N ALA B 78 4.94 19.87 9.05
CA ALA B 78 5.21 20.94 10.00
C ALA B 78 6.52 21.65 9.66
N SER B 79 7.57 20.87 9.38
CA SER B 79 8.85 21.48 9.00
C SER B 79 8.75 22.24 7.68
N ASN B 80 8.07 21.66 6.69
CA ASN B 80 7.93 22.32 5.40
C ASN B 80 7.16 23.63 5.53
N TRP B 81 6.08 23.63 6.32
CA TRP B 81 5.31 24.85 6.52
C TRP B 81 6.17 25.98 7.08
N THR B 82 7.12 25.64 7.96
CA THR B 82 7.98 26.65 8.56
C THR B 82 9.00 27.18 7.56
N GLU B 83 9.50 26.30 6.67
CA GLU B 83 10.59 26.66 5.77
C GLU B 83 10.12 27.20 4.44
N SER B 84 8.88 26.92 4.03
CA SER B 84 8.42 27.29 2.68
C SER B 84 7.94 28.74 2.59
N PHE B 85 7.64 29.38 3.71
CA PHE B 85 7.09 30.74 3.72
C PHE B 85 8.16 31.75 4.10
N VAL B 86 8.08 32.93 3.52
CA VAL B 86 8.97 34.05 3.84
C VAL B 86 8.13 35.22 4.35
N PHE B 87 8.59 35.82 5.45
CA PHE B 87 7.87 36.97 6.01
C PHE B 87 8.15 38.23 5.20
N ASP B 88 7.08 38.99 4.93
CA ASP B 88 7.18 40.28 4.19
C ASP B 88 6.89 41.41 5.16
N THR B 89 7.83 42.35 5.32
CA THR B 89 7.71 43.43 6.32
C THR B 89 6.80 44.54 5.80
N GLU B 90 6.57 44.57 4.50
CA GLU B 90 5.68 45.60 3.88
C GLU B 90 4.22 45.22 4.10
N ARG B 91 3.89 43.94 4.14
CA ARG B 91 2.48 43.54 4.26
C ARG B 91 2.22 42.94 5.65
N GLY B 92 3.26 42.70 6.43
CA GLY B 92 3.06 42.04 7.69
C GLY B 92 2.45 40.66 7.54
N LYS B 93 2.78 39.96 6.47
CA LYS B 93 2.18 38.67 6.15
C LYS B 93 3.27 37.70 5.68
N TYR B 94 2.93 36.42 5.70
CA TYR B 94 3.81 35.37 5.21
C TYR B 94 3.40 35.00 3.78
N PHE B 95 4.38 34.93 2.89
CA PHE B 95 4.14 34.60 1.49
C PHE B 95 5.06 33.46 1.09
N LEU B 96 4.51 32.45 0.40
CA LEU B 96 5.33 31.41 -0.18
C LEU B 96 6.26 32.02 -1.22
N GLY B 97 7.54 31.65 -1.18
CA GLY B 97 8.54 32.23 -2.06
C GLY B 97 9.38 31.17 -2.75
N GLU B 98 10.31 31.65 -3.58
CA GLU B 98 11.31 30.80 -4.25
C GLU B 98 10.67 29.63 -4.99
N GLY B 99 9.46 29.81 -5.49
CA GLY B 99 8.76 28.71 -6.12
C GLY B 99 8.47 27.55 -5.21
N ASN B 100 8.23 27.82 -3.92
CA ASN B 100 7.85 26.78 -2.98
C ASN B 100 6.37 26.46 -3.17
N ASP B 101 6.06 25.20 -3.46
CA ASP B 101 4.68 24.79 -3.73
C ASP B 101 4.07 24.01 -2.57
N LEU B 102 4.65 24.10 -1.38
CA LEU B 102 4.26 23.28 -0.23
C LEU B 102 4.21 21.80 -0.60
N PHE B 103 4.98 21.41 -1.62
CA PHE B 103 5.01 20.05 -2.16
C PHE B 103 3.64 19.63 -2.69
N ASN B 104 2.81 20.61 -3.06
CA ASN B 104 1.45 20.35 -3.56
C ASN B 104 0.67 19.48 -2.58
N ASN B 105 0.89 19.70 -1.28
CA ASN B 105 0.30 18.89 -0.21
C ASN B 105 0.61 17.40 -0.39
N GLY B 106 1.76 17.10 -0.98
CA GLY B 106 2.08 15.71 -1.29
C GLY B 106 2.24 14.86 -0.04
N TYR B 107 2.85 15.42 1.01
CA TYR B 107 3.06 14.66 2.23
C TYR B 107 1.75 14.29 2.89
N ARG B 108 0.77 15.21 2.88
CA ARG B 108 -0.55 14.88 3.40
C ARG B 108 -1.17 13.73 2.63
N TYR B 109 -1.14 13.80 1.30
CA TYR B 109 -1.74 12.75 0.48
C TYR B 109 -0.89 11.48 0.45
N LEU B 110 0.44 11.63 0.54
CA LEU B 110 1.28 10.45 0.72
C LEU B 110 0.95 9.75 2.03
N ASN B 111 0.71 10.52 3.09
CA ASN B 111 0.34 9.95 4.38
C ASN B 111 -0.94 9.12 4.27
N TRP B 112 -1.96 9.68 3.61
CA TRP B 112 -3.22 8.95 3.43
C TRP B 112 -3.03 7.72 2.55
N LEU B 113 -2.25 7.88 1.48
CA LEU B 113 -1.98 6.76 0.58
C LEU B 113 -1.39 5.57 1.33
N ILE B 114 -0.54 5.84 2.32
CA ILE B 114 0.12 4.77 3.05
C ILE B 114 -0.81 4.19 4.12
N ASP B 115 -1.44 5.06 4.90
CA ASP B 115 -2.13 4.60 6.12
C ASP B 115 -3.49 3.98 5.83
N VAL B 116 -4.22 4.50 4.84
CA VAL B 116 -5.59 4.04 4.60
C VAL B 116 -5.67 2.53 4.40
N PRO B 117 -4.87 1.90 3.54
CA PRO B 117 -4.95 0.43 3.44
C PRO B 117 -4.65 -0.26 4.75
N MET B 118 -3.66 0.23 5.50
CA MET B 118 -3.30 -0.39 6.77
C MET B 118 -4.43 -0.28 7.78
N LEU B 119 -5.11 0.87 7.83
CA LEU B 119 -6.24 1.03 8.73
C LEU B 119 -7.37 0.09 8.37
N LEU B 120 -7.62 -0.11 7.08
CA LEU B 120 -8.68 -1.02 6.66
C LEU B 120 -8.27 -2.47 6.82
N PHE B 121 -6.99 -2.78 6.61
CA PHE B 121 -6.53 -4.16 6.66
C PHE B 121 -6.52 -4.72 8.07
N GLN B 122 -6.28 -3.87 9.07
CA GLN B 122 -5.97 -4.38 10.40
C GLN B 122 -7.21 -4.91 11.13
N ILE B 123 -8.40 -4.42 10.77
CA ILE B 123 -9.59 -4.88 11.46
C ILE B 123 -9.89 -6.34 11.14
N LEU B 124 -9.44 -6.82 9.99
CA LEU B 124 -9.60 -8.23 9.66
C LEU B 124 -8.71 -9.12 10.51
N PHE B 125 -7.62 -8.57 11.05
CA PHE B 125 -6.75 -9.31 11.94
C PHE B 125 -7.34 -9.46 13.34
N VAL B 126 -8.32 -8.64 13.69
CA VAL B 126 -9.01 -8.72 14.97
C VAL B 126 -10.34 -9.44 14.83
N VAL B 127 -11.12 -9.05 13.84
CA VAL B 127 -12.49 -9.48 13.66
C VAL B 127 -12.52 -10.77 12.84
N THR B 128 -13.38 -11.71 13.24
CA THR B 128 -13.52 -12.99 12.55
C THR B 128 -14.73 -12.98 11.64
N LEU B 129 -14.58 -13.58 10.45
CA LEU B 129 -15.58 -13.51 9.40
C LEU B 129 -16.26 -14.87 9.21
N THR B 130 -17.59 -14.83 9.12
CA THR B 130 -18.41 -16.03 8.99
C THR B 130 -18.66 -16.39 7.52
N LYS B 131 -19.08 -15.43 6.71
CA LYS B 131 -19.54 -15.71 5.35
C LYS B 131 -18.63 -15.17 4.26
N SER B 132 -17.80 -14.17 4.54
CA SER B 132 -17.08 -13.45 3.49
C SER B 132 -15.67 -13.99 3.31
N ASN B 133 -15.12 -13.73 2.13
CA ASN B 133 -13.79 -14.18 1.74
C ASN B 133 -12.77 -13.12 2.14
N PHE B 134 -11.89 -13.45 3.10
CA PHE B 134 -10.91 -12.50 3.61
C PHE B 134 -10.10 -11.86 2.48
N SER B 135 -9.62 -12.69 1.55
CA SER B 135 -8.74 -12.19 0.49
C SER B 135 -9.45 -11.19 -0.40
N SER B 136 -10.72 -11.45 -0.72
CA SER B 136 -11.46 -10.53 -1.60
C SER B 136 -11.77 -9.23 -0.89
N ILE B 137 -12.10 -9.29 0.40
CA ILE B 137 -12.32 -8.06 1.18
C ILE B 137 -11.07 -7.22 1.20
N ARG B 138 -9.91 -7.85 1.45
CA ARG B 138 -8.64 -7.12 1.44
C ARG B 138 -8.38 -6.47 0.09
N ASN B 139 -8.56 -7.24 -0.99
CA ASN B 139 -8.30 -6.70 -2.33
C ASN B 139 -9.21 -5.51 -2.63
N GLN B 140 -10.50 -5.61 -2.28
CA GLN B 140 -11.40 -4.49 -2.49
C GLN B 140 -11.01 -3.29 -1.64
N PHE B 141 -10.71 -3.53 -0.36
CA PHE B 141 -10.24 -2.47 0.53
C PHE B 141 -9.07 -1.72 -0.08
N TRP B 142 -8.07 -2.46 -0.58
CA TRP B 142 -6.89 -1.83 -1.15
C TRP B 142 -7.23 -1.04 -2.41
N ILE B 143 -7.97 -1.66 -3.33
CA ILE B 143 -8.33 -0.99 -4.58
C ILE B 143 -9.08 0.30 -4.29
N SER B 144 -10.13 0.22 -3.48
CA SER B 144 -10.94 1.40 -3.18
C SER B 144 -10.13 2.45 -2.43
N GLY B 145 -9.39 2.02 -1.40
CA GLY B 145 -8.62 2.97 -0.61
C GLY B 145 -7.57 3.68 -1.44
N THR B 146 -6.83 2.94 -2.26
CA THR B 146 -5.78 3.53 -3.08
C THR B 146 -6.37 4.49 -4.11
N GLY B 147 -7.40 4.05 -4.84
CA GLY B 147 -8.00 4.90 -5.85
C GLY B 147 -8.58 6.17 -5.28
N MET B 148 -9.13 6.09 -4.06
CA MET B 148 -9.69 7.25 -3.39
C MET B 148 -8.64 8.34 -3.19
N ILE B 149 -7.48 7.97 -2.63
CA ILE B 149 -6.46 8.96 -2.32
C ILE B 149 -5.78 9.44 -3.60
N VAL B 150 -5.55 8.52 -4.55
CA VAL B 150 -4.92 8.90 -5.82
C VAL B 150 -5.78 9.92 -6.56
N THR B 151 -7.08 9.62 -6.69
CA THR B 151 -7.99 10.54 -7.36
C THR B 151 -8.22 11.80 -6.53
N GLY B 152 -8.09 11.69 -5.21
CA GLY B 152 -8.16 12.87 -4.37
C GLY B 152 -6.99 13.81 -4.60
N TYR B 153 -5.78 13.25 -4.73
CA TYR B 153 -4.61 14.07 -4.98
C TYR B 153 -4.65 14.71 -6.36
N ILE B 154 -5.18 13.99 -7.35
CA ILE B 154 -5.25 14.52 -8.71
C ILE B 154 -6.24 15.68 -8.77
N GLY B 155 -7.45 15.48 -8.24
CA GLY B 155 -8.46 16.51 -8.28
C GLY B 155 -8.16 17.72 -7.42
N GLN B 156 -7.31 17.55 -6.40
CA GLN B 156 -6.95 18.65 -5.51
C GLN B 156 -6.24 19.78 -6.26
N PHE B 157 -5.64 19.48 -7.41
CA PHE B 157 -4.99 20.51 -8.22
C PHE B 157 -5.96 21.41 -8.96
N TYR B 158 -7.23 21.01 -9.06
CA TYR B 158 -8.22 21.75 -9.84
C TYR B 158 -9.26 22.44 -8.97
N GLU B 159 -9.04 22.52 -7.66
CA GLU B 159 -10.05 23.08 -6.77
C GLU B 159 -10.21 24.58 -6.98
N VAL B 160 -9.17 25.26 -7.44
CA VAL B 160 -9.24 26.70 -7.69
C VAL B 160 -9.33 27.01 -9.19
N THR B 161 -8.97 26.06 -10.06
CA THR B 161 -8.92 26.34 -11.49
C THR B 161 -10.09 25.74 -12.26
N ASP B 162 -10.08 24.42 -12.49
CA ASP B 162 -11.10 23.77 -13.32
C ASP B 162 -12.10 23.07 -12.42
N LEU B 163 -13.25 23.71 -12.21
CA LEU B 163 -14.31 23.11 -11.41
C LEU B 163 -14.85 21.83 -12.04
N THR B 164 -14.84 21.75 -13.37
CA THR B 164 -15.29 20.54 -14.05
C THR B 164 -14.37 19.36 -13.72
N MET B 165 -13.06 19.59 -13.82
CA MET B 165 -12.10 18.53 -13.50
C MET B 165 -12.09 18.24 -12.01
N PHE B 166 -12.23 19.28 -11.18
CA PHE B 166 -12.36 19.10 -9.74
C PHE B 166 -13.53 18.19 -9.40
N ALA B 167 -14.65 18.36 -10.12
CA ALA B 167 -15.84 17.57 -9.82
C ALA B 167 -15.70 16.13 -10.31
N ILE B 168 -15.12 15.94 -11.50
CA ILE B 168 -15.05 14.60 -12.08
C ILE B 168 -14.13 13.70 -11.25
N TRP B 169 -13.03 14.26 -10.73
CA TRP B 169 -12.13 13.46 -9.91
C TRP B 169 -12.66 13.31 -8.49
N GLY B 170 -13.24 14.38 -7.94
CA GLY B 170 -13.83 14.29 -6.61
C GLY B 170 -15.00 13.34 -6.56
N ALA B 171 -15.85 13.35 -7.59
CA ALA B 171 -16.96 12.40 -7.65
C ALA B 171 -16.45 10.97 -7.78
N ILE B 172 -15.30 10.78 -8.45
CA ILE B 172 -14.73 9.44 -8.53
C ILE B 172 -14.20 9.00 -7.18
N SER B 173 -13.60 9.92 -6.42
CA SER B 173 -13.13 9.59 -5.08
C SER B 173 -14.29 9.18 -4.17
N THR B 174 -15.46 9.76 -4.36
CA THR B 174 -16.61 9.40 -3.54
C THR B 174 -17.15 8.02 -3.89
N VAL B 175 -16.99 7.59 -5.15
CA VAL B 175 -17.33 6.21 -5.52
C VAL B 175 -16.52 5.23 -4.68
N PHE B 176 -15.19 5.35 -4.75
CA PHE B 176 -14.31 4.55 -3.90
C PHE B 176 -14.69 4.67 -2.44
N PHE B 177 -15.05 5.88 -2.00
CA PHE B 177 -15.35 6.12 -0.59
C PHE B 177 -16.63 5.40 -0.17
N PHE B 178 -17.73 5.63 -0.88
CA PHE B 178 -18.99 4.96 -0.56
C PHE B 178 -18.83 3.46 -0.60
N HIS B 179 -17.93 2.96 -1.45
CA HIS B 179 -17.66 1.53 -1.48
C HIS B 179 -16.96 1.06 -0.21
N ILE B 180 -16.04 1.87 0.32
CA ILE B 180 -15.33 1.51 1.54
C ILE B 180 -16.29 1.45 2.72
N LEU B 181 -17.16 2.47 2.84
CA LEU B 181 -18.16 2.49 3.89
C LEU B 181 -19.01 1.24 3.87
N TRP B 182 -19.49 0.87 2.67
CA TRP B 182 -20.30 -0.34 2.54
C TRP B 182 -19.54 -1.57 2.97
N LEU B 183 -18.26 -1.66 2.59
CA LEU B 183 -17.43 -2.80 2.97
C LEU B 183 -17.21 -2.84 4.48
N MET B 184 -16.72 -1.73 5.05
CA MET B 184 -16.46 -1.68 6.48
C MET B 184 -17.71 -1.99 7.30
N LYS B 185 -18.88 -1.63 6.77
CA LYS B 185 -20.14 -1.95 7.46
C LYS B 185 -20.36 -3.46 7.50
N LYS B 186 -20.01 -4.16 6.42
CA LYS B 186 -20.21 -5.60 6.37
C LYS B 186 -19.28 -6.33 7.32
N VAL B 187 -17.99 -5.98 7.30
CA VAL B 187 -17.00 -6.62 8.17
C VAL B 187 -17.44 -6.51 9.63
N ILE B 188 -17.87 -5.31 10.03
CA ILE B 188 -18.23 -5.07 11.42
C ILE B 188 -19.50 -5.81 11.79
N ASP B 189 -20.52 -5.74 10.93
CA ASP B 189 -21.77 -6.44 11.19
C ASP B 189 -21.57 -7.95 11.24
N GLU B 190 -20.64 -8.46 10.42
CA GLU B 190 -20.38 -9.90 10.38
C GLU B 190 -19.53 -10.34 11.57
N GLY B 191 -18.53 -9.53 11.93
CA GLY B 191 -17.68 -9.85 13.06
C GLY B 191 -18.36 -9.76 14.40
N LYS B 192 -19.56 -9.18 14.46
CA LYS B 192 -20.31 -9.14 15.71
C LYS B 192 -20.87 -10.53 16.06
N ASP B 193 -21.20 -11.33 15.05
CA ASP B 193 -21.83 -12.62 15.27
C ASP B 193 -20.91 -13.54 16.08
N GLY B 194 -21.39 -14.00 17.22
CA GLY B 194 -20.72 -15.01 18.00
C GLY B 194 -19.81 -14.50 19.10
N ILE B 195 -19.53 -13.21 19.14
CA ILE B 195 -18.57 -12.65 20.10
C ILE B 195 -19.33 -12.06 21.28
N PRO B 196 -18.68 -11.80 22.42
CA PRO B 196 -19.39 -11.19 23.56
C PRO B 196 -20.02 -9.85 23.19
N ALA B 197 -21.15 -9.56 23.82
CA ALA B 197 -21.91 -8.35 23.49
C ALA B 197 -21.11 -7.08 23.75
N LYS B 198 -20.17 -7.13 24.69
CA LYS B 198 -19.34 -5.95 24.97
C LYS B 198 -18.46 -5.61 23.77
N ALA B 199 -17.92 -6.62 23.10
CA ALA B 199 -17.15 -6.37 21.88
C ALA B 199 -18.07 -5.98 20.73
N GLN B 200 -19.30 -6.49 20.72
CA GLN B 200 -20.28 -6.06 19.73
C GLN B 200 -20.59 -4.57 19.89
N GLU B 201 -20.75 -4.12 21.14
CA GLU B 201 -20.99 -2.71 21.40
C GLU B 201 -19.79 -1.85 20.98
N THR B 202 -18.58 -2.29 21.32
CA THR B 202 -17.39 -1.56 20.90
C THR B 202 -17.26 -1.52 19.38
N LEU B 203 -17.60 -2.64 18.72
CA LEU B 203 -17.52 -2.69 17.26
C LEU B 203 -18.49 -1.71 16.62
N GLN B 204 -19.64 -1.46 17.25
CA GLN B 204 -20.55 -0.45 16.74
C GLN B 204 -19.98 0.95 16.94
N SER B 205 -19.42 1.23 18.12
CA SER B 205 -18.73 2.49 18.34
C SER B 205 -17.57 2.66 17.37
N ILE B 206 -16.92 1.56 17.00
CA ILE B 206 -15.89 1.61 15.95
C ILE B 206 -16.50 2.01 14.62
N TRP B 207 -17.65 1.42 14.28
CA TRP B 207 -18.32 1.77 13.03
C TRP B 207 -18.71 3.24 13.00
N VAL B 208 -19.38 3.71 14.06
CA VAL B 208 -19.80 5.10 14.11
C VAL B 208 -18.58 6.03 14.04
N LEU B 209 -17.53 5.70 14.79
CA LEU B 209 -16.30 6.49 14.73
C LEU B 209 -15.70 6.46 13.34
N PHE B 210 -15.62 5.27 12.74
CA PHE B 210 -15.14 5.15 11.36
C PHE B 210 -15.97 6.02 10.43
N LEU B 211 -17.28 5.87 10.48
CA LEU B 211 -18.18 6.64 9.63
C LEU B 211 -17.94 8.14 9.76
N VAL B 212 -17.96 8.65 11.00
CA VAL B 212 -17.87 10.08 11.23
C VAL B 212 -16.49 10.61 10.86
N SER B 213 -15.43 9.99 11.39
CA SER B 213 -14.08 10.51 11.21
C SER B 213 -13.69 10.55 9.73
N TRP B 214 -13.88 9.42 9.03
CA TRP B 214 -13.55 9.38 7.61
C TRP B 214 -14.39 10.38 6.82
N MET B 215 -15.62 10.64 7.27
CA MET B 215 -16.47 11.61 6.61
C MET B 215 -15.91 13.03 6.71
N LEU B 216 -15.03 13.29 7.67
CA LEU B 216 -14.49 14.63 7.85
C LEU B 216 -13.58 15.06 6.72
N TYR B 217 -12.98 14.11 5.98
CA TYR B 217 -12.08 14.49 4.90
C TYR B 217 -12.83 15.06 3.71
N PRO B 218 -13.82 14.38 3.13
CA PRO B 218 -14.63 15.06 2.09
C PRO B 218 -15.38 16.25 2.63
N GLY B 219 -15.66 16.27 3.94
CA GLY B 219 -16.33 17.41 4.53
C GLY B 219 -15.52 18.69 4.41
N ALA B 220 -14.21 18.60 4.61
CA ALA B 220 -13.35 19.78 4.52
C ALA B 220 -12.90 20.09 3.10
N TYR B 221 -13.13 19.18 2.15
CA TYR B 221 -12.67 19.35 0.78
C TYR B 221 -13.80 19.47 -0.22
N LEU B 222 -14.75 18.53 -0.21
CA LEU B 222 -15.77 18.45 -1.24
C LEU B 222 -17.10 19.08 -0.83
N MET B 223 -17.49 18.95 0.44
CA MET B 223 -18.77 19.48 0.90
C MET B 223 -18.86 21.00 0.91
N PRO B 224 -17.77 21.77 1.07
CA PRO B 224 -17.92 23.23 0.91
C PRO B 224 -18.41 23.64 -0.46
N HIS B 225 -17.94 22.97 -1.51
CA HIS B 225 -18.41 23.27 -2.85
C HIS B 225 -19.80 22.70 -3.11
N LEU B 226 -20.14 21.58 -2.47
CA LEU B 226 -21.43 20.94 -2.72
C LEU B 226 -22.58 21.73 -2.11
N ALA B 227 -22.32 22.50 -1.06
CA ALA B 227 -23.34 23.28 -0.38
C ALA B 227 -23.32 24.74 -0.74
N GLY B 228 -22.36 25.18 -1.55
CA GLY B 228 -22.26 26.57 -1.92
C GLY B 228 -21.66 27.47 -0.86
N ILE B 229 -20.99 26.90 0.15
CA ILE B 229 -20.34 27.70 1.18
C ILE B 229 -18.89 28.00 0.84
N GLU B 230 -18.40 27.52 -0.29
CA GLU B 230 -17.07 27.93 -0.75
C GLU B 230 -17.12 29.39 -1.19
N GLY B 231 -15.98 30.06 -1.08
CA GLY B 231 -15.94 31.49 -1.31
C GLY B 231 -15.91 32.25 0.00
N LEU B 232 -16.74 31.82 0.96
CA LEU B 232 -16.61 32.30 2.32
C LEU B 232 -15.37 31.75 2.99
N PHE B 233 -14.87 30.60 2.52
CA PHE B 233 -13.69 29.97 3.09
C PHE B 233 -12.46 30.11 2.19
N PHE B 234 -12.58 30.77 1.04
CA PHE B 234 -11.43 30.98 0.15
C PHE B 234 -10.57 32.09 0.74
N SER B 235 -9.83 31.75 1.79
CA SER B 235 -9.04 32.72 2.52
C SER B 235 -8.05 31.95 3.40
N GLU B 236 -7.35 32.69 4.27
CA GLU B 236 -6.51 32.04 5.27
C GLU B 236 -7.34 31.32 6.31
N ILE B 237 -8.59 31.75 6.51
CA ILE B 237 -9.47 31.07 7.45
C ILE B 237 -9.78 29.66 6.98
N GLY B 238 -10.04 29.49 5.68
CA GLY B 238 -10.34 28.18 5.14
C GLY B 238 -9.16 27.23 5.16
N VAL B 239 -7.95 27.75 4.98
CA VAL B 239 -6.75 26.91 5.05
C VAL B 239 -6.58 26.36 6.46
N VAL B 240 -6.76 27.20 7.47
CA VAL B 240 -6.66 26.75 8.85
C VAL B 240 -7.80 25.79 9.18
N ALA B 241 -9.02 26.14 8.76
CA ALA B 241 -10.18 25.32 9.09
C ALA B 241 -10.06 23.92 8.51
N ARG B 242 -9.52 23.80 7.30
CA ARG B 242 -9.38 22.50 6.67
C ARG B 242 -8.27 21.69 7.33
N GLN B 243 -7.15 22.34 7.67
CA GLN B 243 -6.05 21.64 8.31
C GLN B 243 -6.45 21.16 9.71
N ILE B 244 -7.17 22.00 10.46
CA ILE B 244 -7.67 21.58 11.76
C ILE B 244 -8.60 20.39 11.62
N THR B 245 -9.48 20.43 10.62
CA THR B 245 -10.40 19.32 10.38
C THR B 245 -9.66 18.07 9.99
N TYR B 246 -8.66 18.18 9.11
CA TYR B 246 -7.87 17.02 8.70
C TYR B 246 -7.13 16.42 9.90
N THR B 247 -6.61 17.27 10.78
CA THR B 247 -5.84 16.77 11.92
C THR B 247 -6.73 16.08 12.93
N ILE B 248 -7.89 16.67 13.23
CA ILE B 248 -8.85 16.02 14.12
C ILE B 248 -9.33 14.71 13.53
N ALA B 249 -9.49 14.68 12.22
CA ALA B 249 -9.92 13.43 11.54
C ALA B 249 -8.84 12.36 11.63
N ASP B 250 -7.57 12.76 11.56
CA ASP B 250 -6.45 11.79 11.56
C ASP B 250 -6.30 11.19 12.93
N VAL B 251 -6.40 12.01 13.96
CA VAL B 251 -6.31 11.51 15.35
C VAL B 251 -7.44 10.50 15.53
N SER B 252 -8.63 10.85 15.05
CA SER B 252 -9.77 9.96 15.29
C SER B 252 -9.65 8.68 14.46
N SER B 253 -9.24 8.79 13.20
CA SER B 253 -9.25 7.66 12.29
C SER B 253 -8.05 6.73 12.47
N LYS B 254 -7.02 7.21 13.16
CA LYS B 254 -5.82 6.41 13.35
C LYS B 254 -5.59 5.99 14.80
N VAL B 255 -5.54 6.97 15.67
CA VAL B 255 -5.25 6.72 17.09
C VAL B 255 -6.45 6.17 17.84
N ILE B 256 -7.56 6.91 17.82
CA ILE B 256 -8.76 6.47 18.52
C ILE B 256 -9.27 5.17 17.92
N TYR B 257 -9.21 5.05 16.60
CA TYR B 257 -9.59 3.82 15.92
C TYR B 257 -8.78 2.64 16.42
N GLY B 258 -7.45 2.79 16.46
CA GLY B 258 -6.60 1.70 16.90
C GLY B 258 -6.78 1.35 18.36
N ILE B 259 -7.12 2.33 19.19
CA ILE B 259 -7.34 2.06 20.61
C ILE B 259 -8.57 1.18 20.80
N LEU B 260 -9.66 1.49 20.11
CA LEU B 260 -10.86 0.68 20.23
C LEU B 260 -10.66 -0.72 19.68
N LEU B 261 -9.75 -0.88 18.71
CA LEU B 261 -9.47 -2.20 18.16
C LEU B 261 -8.78 -3.08 19.20
N THR B 262 -7.88 -2.50 19.98
CA THR B 262 -7.25 -3.26 21.06
C THR B 262 -8.27 -3.63 22.14
N ASN B 263 -9.24 -2.77 22.38
CA ASN B 263 -10.28 -3.07 23.41
C ASN B 263 -11.10 -4.26 22.94
N VAL B 264 -11.39 -4.34 21.65
CA VAL B 264 -12.13 -5.51 21.08
C VAL B 264 -11.24 -6.74 21.19
N ALA B 265 -9.97 -6.59 20.86
CA ALA B 265 -9.05 -7.75 20.87
C ALA B 265 -8.80 -8.19 22.29
N GLN B 266 -8.90 -7.28 23.25
CA GLN B 266 -8.64 -7.61 24.67
C GLN B 266 -9.84 -8.35 25.22
N VAL B 267 -11.03 -7.98 24.78
CA VAL B 267 -12.26 -8.69 25.22
C VAL B 267 -12.24 -10.09 24.62
N MET B 268 -11.89 -10.20 23.36
CA MET B 268 -11.88 -11.51 22.67
C MET B 268 -10.67 -12.32 23.13
N SER B 269 -9.65 -11.67 23.68
CA SER B 269 -8.43 -12.37 24.19
C SER B 269 -8.71 -12.93 25.58
N LYS B 270 -9.95 -12.82 26.05
CA LYS B 270 -10.32 -13.40 27.36
C LYS B 270 -11.23 -14.60 27.12
#